data_5B3F
#
_entry.id   5B3F
#
_cell.length_a   78.414
_cell.length_b   93.822
_cell.length_c   99.942
_cell.angle_alpha   90.00
_cell.angle_beta   90.00
_cell.angle_gamma   90.00
#
_symmetry.space_group_name_H-M   'P 21 21 21'
#
loop_
_entity.id
_entity.type
_entity.pdbx_description
1 polymer 'Phosphoribulokinase/uridine kinase'
2 non-polymer 'SULFATE ION'
3 water water
#
_entity_poly.entity_id   1
_entity_poly.type   'polypeptide(L)'
_entity_poly.pdbx_seq_one_letter_code
;MGSSHHHHHHSSGLVPRGSHMSQPENFREVIRHSPLVYLIGVAGDSGSGKSTFTRAISDIFGEELVSSITVDDYHLYDRK
TRSEMGITPLLHTANNLKLLEENLMDLKAGRTIQKPVYLHDHGTFGEPELFSPTKFIIIEGLHPYATKSLRALYDYTIFV
DPERDVKYDWKIRRDMKKRNYDKNEVLREILQREPDYFQYVFPQREVADAVIQISYSSYGKEEGEKRNVYRVMLSMPAQE
YCFEDIELNIDLCDLFKKSSHDFSLSCISHTPDSRNMRALVVDGELMPDTIHKIERQIEFQTGISPINIFRGQEHITGTD
LVRLILSWQIINGRIALSNHLDQ
;
_entity_poly.pdbx_strand_id   A,B
#
# COMPACT_ATOMS: atom_id res chain seq x y z
N ASN A 26 -4.82 -0.49 29.74
CA ASN A 26 -4.47 -1.91 29.45
C ASN A 26 -5.73 -2.76 29.32
N PHE A 27 -5.88 -3.46 28.20
CA PHE A 27 -7.04 -4.30 27.92
C PHE A 27 -7.38 -5.33 29.00
N ARG A 28 -6.47 -6.27 29.22
CA ARG A 28 -6.68 -7.34 30.20
C ARG A 28 -7.27 -6.86 31.51
N GLU A 29 -6.74 -5.77 32.04
CA GLU A 29 -7.22 -5.23 33.31
C GLU A 29 -8.55 -4.48 33.26
N VAL A 30 -8.96 -4.07 32.06
CA VAL A 30 -10.23 -3.35 31.90
C VAL A 30 -11.41 -4.30 32.11
N ILE A 31 -11.22 -5.55 31.72
CA ILE A 31 -12.28 -6.55 31.86
C ILE A 31 -12.18 -7.25 33.22
N ARG A 32 -11.35 -6.69 34.14
CA ARG A 32 -11.13 -7.24 35.48
C ARG A 32 -12.19 -7.09 36.55
N HIS A 33 -12.61 -5.85 36.77
CA HIS A 33 -13.66 -5.56 37.73
C HIS A 33 -14.81 -4.95 36.91
N SER A 34 -15.34 -5.73 35.97
CA SER A 34 -16.44 -5.29 35.12
C SER A 34 -17.26 -6.48 34.66
N PRO A 35 -18.43 -6.70 35.29
CA PRO A 35 -19.31 -7.81 34.94
C PRO A 35 -19.74 -7.73 33.48
N LEU A 36 -19.59 -6.53 32.91
CA LEU A 36 -19.98 -6.23 31.55
C LEU A 36 -19.62 -7.29 30.49
N VAL A 37 -20.62 -7.60 29.67
CA VAL A 37 -20.50 -8.57 28.59
C VAL A 37 -20.44 -7.84 27.25
N TYR A 38 -19.34 -8.02 26.53
CA TYR A 38 -19.15 -7.37 25.24
C TYR A 38 -19.78 -8.26 24.16
N LEU A 39 -20.83 -7.75 23.52
CA LEU A 39 -21.54 -8.49 22.50
C LEU A 39 -21.13 -8.11 21.09
N ILE A 40 -20.56 -9.08 20.37
CA ILE A 40 -20.09 -8.88 19.00
C ILE A 40 -20.96 -9.65 18.01
N GLY A 41 -21.47 -8.93 17.00
CA GLY A 41 -22.30 -9.56 15.99
C GLY A 41 -21.63 -9.68 14.64
N VAL A 42 -21.79 -10.83 13.98
CA VAL A 42 -21.21 -11.07 12.67
C VAL A 42 -22.29 -11.65 11.75
N ALA A 43 -22.74 -10.82 10.80
CA ALA A 43 -23.78 -11.21 9.85
C ALA A 43 -23.24 -11.37 8.43
N GLY A 44 -23.98 -12.13 7.64
CA GLY A 44 -23.60 -12.39 6.26
C GLY A 44 -24.23 -13.68 5.78
N ASP A 45 -24.53 -13.73 4.47
CA ASP A 45 -25.15 -14.90 3.87
C ASP A 45 -24.36 -16.16 4.20
N SER A 46 -24.97 -17.31 3.93
CA SER A 46 -24.34 -18.60 4.18
C SER A 46 -23.14 -18.82 3.26
N GLY A 47 -22.08 -19.39 3.82
CA GLY A 47 -20.89 -19.65 3.05
C GLY A 47 -20.17 -18.37 2.64
N SER A 48 -20.12 -17.41 3.56
CA SER A 48 -19.45 -16.14 3.31
C SER A 48 -18.20 -15.95 4.16
N GLY A 49 -17.83 -16.97 4.92
CA GLY A 49 -16.64 -16.88 5.75
C GLY A 49 -16.82 -16.45 7.20
N LYS A 50 -18.06 -16.22 7.61
CA LYS A 50 -18.31 -15.78 8.98
C LYS A 50 -17.68 -16.72 10.01
N SER A 51 -18.00 -18.00 9.89
CA SER A 51 -17.51 -19.05 10.77
C SER A 51 -16.00 -19.05 10.95
N THR A 52 -15.28 -18.76 9.86
CA THR A 52 -13.83 -18.73 9.89
C THR A 52 -13.28 -17.39 10.37
N PHE A 53 -14.13 -16.38 10.38
CA PHE A 53 -13.72 -15.08 10.86
C PHE A 53 -13.94 -15.11 12.38
N THR A 54 -15.02 -15.76 12.80
CA THR A 54 -15.36 -15.89 14.20
C THR A 54 -14.27 -16.69 14.92
N ARG A 55 -13.76 -17.70 14.23
CA ARG A 55 -12.74 -18.58 14.76
C ARG A 55 -11.41 -17.84 14.96
N ALA A 56 -11.12 -16.90 14.06
CA ALA A 56 -9.88 -16.12 14.12
C ALA A 56 -9.88 -15.20 15.33
N ILE A 57 -11.01 -14.59 15.61
CA ILE A 57 -11.12 -13.70 16.74
C ILE A 57 -10.86 -14.46 18.03
N SER A 58 -11.52 -15.60 18.19
CA SER A 58 -11.37 -16.44 19.39
C SER A 58 -9.92 -16.86 19.59
N ASP A 59 -9.24 -17.17 18.51
CA ASP A 59 -7.83 -17.57 18.55
C ASP A 59 -6.96 -16.46 19.12
N ILE A 60 -7.37 -15.22 18.88
CA ILE A 60 -6.62 -14.06 19.33
C ILE A 60 -6.97 -13.63 20.76
N PHE A 61 -8.25 -13.72 21.13
CA PHE A 61 -8.64 -13.33 22.48
C PHE A 61 -8.63 -14.50 23.46
N GLY A 62 -8.43 -15.71 22.93
CA GLY A 62 -8.38 -16.88 23.78
C GLY A 62 -9.72 -17.47 24.17
N GLU A 63 -9.73 -18.80 24.33
CA GLU A 63 -10.93 -19.53 24.70
C GLU A 63 -11.51 -19.19 26.06
N GLU A 64 -10.71 -18.58 26.92
CA GLU A 64 -11.22 -18.23 28.24
C GLU A 64 -12.08 -16.97 28.21
N LEU A 65 -11.71 -16.04 27.34
CA LEU A 65 -12.46 -14.80 27.23
C LEU A 65 -13.56 -14.83 26.18
N VAL A 66 -13.40 -15.63 25.15
CA VAL A 66 -14.40 -15.65 24.09
C VAL A 66 -15.28 -16.87 24.00
N SER A 67 -16.55 -16.61 23.71
CA SER A 67 -17.56 -17.63 23.54
C SER A 67 -18.35 -17.21 22.31
N SER A 68 -19.04 -18.15 21.66
CA SER A 68 -19.81 -17.80 20.47
C SER A 68 -21.08 -18.62 20.26
N ILE A 69 -21.96 -18.07 19.43
CA ILE A 69 -23.23 -18.71 19.13
C ILE A 69 -23.57 -18.47 17.67
N THR A 70 -24.10 -19.51 17.04
CA THR A 70 -24.48 -19.41 15.64
C THR A 70 -26.00 -19.22 15.65
N VAL A 71 -26.48 -18.21 14.92
CA VAL A 71 -27.91 -17.94 14.90
C VAL A 71 -28.69 -19.07 14.23
N ASP A 72 -27.95 -19.97 13.57
CA ASP A 72 -28.57 -21.11 12.89
C ASP A 72 -29.25 -22.04 13.88
N ASP A 73 -28.80 -22.03 15.13
CA ASP A 73 -29.40 -22.87 16.15
C ASP A 73 -30.85 -22.48 16.37
N TYR A 74 -31.24 -21.31 15.87
CA TYR A 74 -32.60 -20.83 16.05
C TYR A 74 -33.56 -21.07 14.88
N HIS A 75 -33.23 -22.00 14.00
CA HIS A 75 -34.11 -22.32 12.89
C HIS A 75 -35.38 -22.96 13.45
N LEU A 76 -36.53 -22.63 12.88
CA LEU A 76 -37.79 -23.19 13.34
C LEU A 76 -38.14 -24.47 12.55
N TYR A 77 -37.53 -24.62 11.38
CA TYR A 77 -37.78 -25.77 10.53
C TYR A 77 -36.49 -26.46 10.12
N ASP A 78 -36.49 -27.78 10.08
CA ASP A 78 -35.31 -28.54 9.70
C ASP A 78 -35.26 -28.70 8.17
N ARG A 79 -34.12 -29.17 7.67
CA ARG A 79 -33.92 -29.35 6.22
C ARG A 79 -35.05 -30.10 5.50
N LYS A 80 -35.47 -31.23 6.04
CA LYS A 80 -36.52 -32.02 5.43
C LYS A 80 -37.80 -31.18 5.34
N THR A 81 -38.21 -30.60 6.46
CA THR A 81 -39.42 -29.79 6.50
C THR A 81 -39.36 -28.64 5.49
N ARG A 82 -38.30 -27.85 5.54
CA ARG A 82 -38.16 -26.71 4.64
C ARG A 82 -38.33 -27.05 3.16
N SER A 83 -37.90 -28.24 2.75
CA SER A 83 -38.05 -28.66 1.35
C SER A 83 -39.54 -28.76 1.04
N GLU A 84 -40.27 -29.48 1.89
CA GLU A 84 -41.70 -29.65 1.72
C GLU A 84 -42.37 -28.28 1.52
N MET A 85 -42.03 -27.33 2.38
CA MET A 85 -42.61 -25.99 2.35
C MET A 85 -42.13 -25.11 1.21
N GLY A 86 -41.01 -25.47 0.58
CA GLY A 86 -40.47 -24.67 -0.50
C GLY A 86 -39.99 -23.33 0.05
N ILE A 87 -39.64 -23.37 1.33
CA ILE A 87 -39.19 -22.21 2.08
C ILE A 87 -37.66 -22.25 2.24
N THR A 88 -37.06 -21.11 2.58
CA THR A 88 -35.62 -20.99 2.79
C THR A 88 -35.38 -20.58 4.24
N PRO A 89 -34.22 -20.96 4.82
CA PRO A 89 -33.94 -20.60 6.22
C PRO A 89 -33.58 -19.13 6.41
N LEU A 90 -33.53 -18.37 5.32
CA LEU A 90 -33.19 -16.95 5.42
C LEU A 90 -34.38 -16.11 5.84
N LEU A 91 -35.56 -16.73 5.96
CA LEU A 91 -36.74 -15.99 6.35
C LEU A 91 -36.70 -15.74 7.85
N HIS A 92 -37.20 -14.59 8.28
CA HIS A 92 -37.23 -14.30 9.71
C HIS A 92 -38.26 -15.22 10.36
N THR A 93 -39.36 -15.46 9.65
CA THR A 93 -40.42 -16.33 10.13
C THR A 93 -39.98 -17.80 10.21
N ALA A 94 -38.79 -18.09 9.69
CA ALA A 94 -38.28 -19.45 9.71
C ALA A 94 -37.32 -19.56 10.88
N ASN A 95 -37.14 -18.46 11.59
CA ASN A 95 -36.24 -18.44 12.73
C ASN A 95 -36.88 -17.91 13.99
N ASN A 96 -36.39 -18.40 15.11
CA ASN A 96 -36.91 -18.00 16.40
C ASN A 96 -36.05 -16.82 16.88
N LEU A 97 -36.14 -15.72 16.14
CA LEU A 97 -35.37 -14.52 16.47
C LEU A 97 -35.80 -13.92 17.82
N LYS A 98 -37.09 -14.07 18.17
CA LYS A 98 -37.59 -13.55 19.43
C LYS A 98 -36.92 -14.25 20.60
N LEU A 99 -36.61 -15.53 20.44
CA LEU A 99 -35.93 -16.25 21.52
C LEU A 99 -34.49 -15.78 21.60
N LEU A 100 -33.83 -15.67 20.43
CA LEU A 100 -32.44 -15.23 20.37
C LEU A 100 -32.27 -13.91 21.12
N GLU A 101 -33.20 -13.00 20.89
CA GLU A 101 -33.17 -11.71 21.57
C GLU A 101 -33.30 -11.91 23.08
N GLU A 102 -34.29 -12.69 23.51
CA GLU A 102 -34.48 -12.99 24.92
C GLU A 102 -33.18 -13.53 25.50
N ASN A 103 -32.60 -14.51 24.80
CA ASN A 103 -31.36 -15.13 25.22
C ASN A 103 -30.23 -14.11 25.34
N LEU A 104 -30.14 -13.21 24.36
CA LEU A 104 -29.10 -12.21 24.34
C LEU A 104 -29.24 -11.22 25.50
N MET A 105 -30.45 -10.77 25.77
CA MET A 105 -30.65 -9.85 26.89
C MET A 105 -30.22 -10.56 28.17
N ASP A 106 -30.65 -11.81 28.31
CA ASP A 106 -30.28 -12.59 29.49
C ASP A 106 -28.77 -12.67 29.57
N LEU A 107 -28.13 -13.03 28.45
CA LEU A 107 -26.67 -13.17 28.39
C LEU A 107 -25.97 -11.89 28.82
N LYS A 108 -26.44 -10.75 28.31
CA LYS A 108 -25.83 -9.47 28.67
C LYS A 108 -25.93 -9.16 30.16
N ALA A 109 -27.02 -9.59 30.81
CA ALA A 109 -27.18 -9.33 32.24
C ALA A 109 -26.32 -10.30 33.04
N GLY A 110 -25.73 -11.27 32.36
CA GLY A 110 -24.87 -12.23 33.05
C GLY A 110 -25.56 -13.50 33.52
N ARG A 111 -26.72 -13.80 32.97
CA ARG A 111 -27.46 -15.00 33.35
C ARG A 111 -27.22 -16.14 32.36
N THR A 112 -27.24 -17.38 32.86
CA THR A 112 -27.07 -18.56 32.01
C THR A 112 -28.40 -18.74 31.27
N ILE A 113 -28.35 -19.26 30.05
CA ILE A 113 -29.57 -19.47 29.29
C ILE A 113 -29.63 -20.91 28.82
N GLN A 114 -30.79 -21.30 28.28
CA GLN A 114 -31.00 -22.61 27.69
C GLN A 114 -31.31 -22.28 26.25
N LYS A 115 -30.50 -22.76 25.32
CA LYS A 115 -30.75 -22.44 23.93
C LYS A 115 -30.79 -23.65 23.02
N PRO A 116 -31.46 -23.51 21.86
CA PRO A 116 -31.63 -24.54 20.84
C PRO A 116 -30.31 -24.88 20.15
N VAL A 117 -30.28 -26.03 19.48
CA VAL A 117 -29.07 -26.47 18.79
C VAL A 117 -29.44 -27.09 17.45
N TYR A 118 -28.85 -26.61 16.37
CA TYR A 118 -29.15 -27.14 15.02
C TYR A 118 -27.97 -27.92 14.44
N LEU A 119 -28.14 -29.22 14.28
CA LEU A 119 -27.07 -30.06 13.74
C LEU A 119 -27.06 -30.05 12.23
N HIS A 120 -26.04 -29.42 11.65
CA HIS A 120 -25.92 -29.33 10.21
C HIS A 120 -25.53 -30.62 9.51
N ASP A 121 -25.23 -31.68 10.28
CA ASP A 121 -24.85 -32.95 9.66
C ASP A 121 -25.81 -33.30 8.54
N HIS A 122 -27.10 -33.08 8.78
CA HIS A 122 -28.12 -33.36 7.77
C HIS A 122 -29.21 -32.30 7.74
N GLY A 123 -29.21 -31.42 8.74
CA GLY A 123 -30.23 -30.39 8.80
C GLY A 123 -31.38 -30.88 9.67
N THR A 124 -31.04 -31.23 10.90
CA THR A 124 -32.00 -31.73 11.88
C THR A 124 -31.80 -31.04 13.23
N PHE A 125 -32.85 -31.01 14.05
CA PHE A 125 -32.76 -30.37 15.35
C PHE A 125 -31.94 -31.19 16.33
N GLY A 126 -31.25 -30.50 17.23
CA GLY A 126 -30.44 -31.17 18.23
C GLY A 126 -30.97 -30.95 19.64
N GLU A 127 -30.23 -31.46 20.63
CA GLU A 127 -30.62 -31.33 22.02
C GLU A 127 -30.27 -29.95 22.55
N PRO A 128 -31.18 -29.33 23.30
CA PRO A 128 -30.96 -28.00 23.88
C PRO A 128 -29.69 -28.00 24.75
N GLU A 129 -29.07 -26.83 24.88
CA GLU A 129 -27.86 -26.73 25.70
C GLU A 129 -27.97 -25.58 26.69
N LEU A 130 -27.09 -25.61 27.68
CA LEU A 130 -27.02 -24.55 28.67
C LEU A 130 -25.84 -23.72 28.24
N PHE A 131 -26.02 -22.42 28.15
CA PHE A 131 -24.94 -21.53 27.72
C PHE A 131 -24.78 -20.41 28.74
N SER A 132 -23.66 -20.43 29.44
CA SER A 132 -23.40 -19.41 30.45
C SER A 132 -22.46 -18.36 29.89
N PRO A 133 -22.79 -17.08 30.11
CA PRO A 133 -22.05 -15.90 29.66
C PRO A 133 -20.54 -15.95 29.85
N THR A 134 -19.87 -15.27 28.94
CA THR A 134 -18.43 -15.11 28.97
C THR A 134 -18.37 -13.59 28.79
N LYS A 135 -17.19 -12.98 28.85
CA LYS A 135 -17.17 -11.52 28.70
C LYS A 135 -17.11 -11.06 27.25
N PHE A 136 -16.89 -12.00 26.34
CA PHE A 136 -16.85 -11.74 24.90
C PHE A 136 -17.72 -12.78 24.24
N ILE A 137 -18.83 -12.36 23.64
CA ILE A 137 -19.72 -13.28 22.97
C ILE A 137 -19.95 -12.89 21.53
N ILE A 138 -19.57 -13.79 20.62
CA ILE A 138 -19.74 -13.55 19.19
C ILE A 138 -20.96 -14.29 18.70
N ILE A 139 -21.84 -13.56 18.04
CA ILE A 139 -23.08 -14.09 17.52
C ILE A 139 -22.94 -14.04 16.00
N GLU A 140 -22.56 -15.16 15.40
CA GLU A 140 -22.40 -15.22 13.95
C GLU A 140 -23.57 -15.98 13.34
N GLY A 141 -24.16 -15.41 12.30
CA GLY A 141 -25.26 -16.07 11.63
C GLY A 141 -25.88 -15.21 10.54
N LEU A 142 -27.00 -15.70 10.00
CA LEU A 142 -27.73 -15.01 8.96
C LEU A 142 -28.41 -13.74 9.49
N HIS A 143 -28.95 -13.81 10.71
CA HIS A 143 -29.65 -12.67 11.30
C HIS A 143 -29.19 -12.28 12.70
N PRO A 144 -27.88 -12.06 12.91
CA PRO A 144 -27.48 -11.69 14.27
C PRO A 144 -28.18 -10.41 14.74
N TYR A 145 -28.31 -9.44 13.84
CA TYR A 145 -28.99 -8.20 14.19
C TYR A 145 -29.91 -7.74 13.08
N ALA A 146 -30.79 -8.65 12.65
CA ALA A 146 -31.72 -8.37 11.56
C ALA A 146 -32.89 -7.46 11.95
N THR A 147 -33.02 -7.17 13.24
CA THR A 147 -34.10 -6.29 13.69
C THR A 147 -33.58 -5.09 14.47
N LYS A 148 -34.24 -3.94 14.29
CA LYS A 148 -33.86 -2.71 14.98
C LYS A 148 -33.72 -3.04 16.46
N SER A 149 -34.60 -3.92 16.92
CA SER A 149 -34.61 -4.34 18.31
C SER A 149 -33.33 -5.08 18.68
N LEU A 150 -32.97 -6.07 17.87
CA LEU A 150 -31.76 -6.85 18.10
C LEU A 150 -30.49 -6.00 17.93
N ARG A 151 -30.44 -5.17 16.89
CA ARG A 151 -29.26 -4.35 16.66
C ARG A 151 -28.88 -3.60 17.92
N ALA A 152 -29.91 -3.10 18.60
CA ALA A 152 -29.73 -2.33 19.82
C ALA A 152 -28.88 -3.01 20.90
N LEU A 153 -28.83 -4.33 20.91
CA LEU A 153 -28.07 -5.04 21.94
C LEU A 153 -26.56 -5.20 21.72
N TYR A 154 -26.10 -5.05 20.50
CA TYR A 154 -24.68 -5.25 20.20
C TYR A 154 -23.75 -4.07 20.51
N ASP A 155 -22.49 -4.40 20.80
CA ASP A 155 -21.48 -3.39 21.09
C ASP A 155 -20.62 -3.17 19.84
N TYR A 156 -20.55 -4.20 19.01
CA TYR A 156 -19.79 -4.11 17.78
C TYR A 156 -20.37 -5.11 16.81
N THR A 157 -20.66 -4.65 15.59
CA THR A 157 -21.25 -5.50 14.56
C THR A 157 -20.40 -5.53 13.28
N ILE A 158 -20.29 -6.72 12.67
CA ILE A 158 -19.50 -6.93 11.47
C ILE A 158 -20.33 -7.63 10.41
N PHE A 159 -20.21 -7.16 9.17
CA PHE A 159 -20.92 -7.78 8.06
C PHE A 159 -19.95 -8.26 6.98
N VAL A 160 -19.90 -9.56 6.75
CA VAL A 160 -19.02 -10.14 5.74
C VAL A 160 -19.82 -10.19 4.44
N ASP A 161 -19.35 -9.45 3.44
CA ASP A 161 -20.04 -9.32 2.15
C ASP A 161 -19.16 -9.66 0.93
N PRO A 162 -18.95 -10.95 0.65
CA PRO A 162 -18.12 -11.33 -0.50
C PRO A 162 -18.89 -11.21 -1.81
N GLU A 163 -18.17 -11.08 -2.91
CA GLU A 163 -18.82 -11.00 -4.21
C GLU A 163 -19.55 -12.32 -4.48
N ARG A 164 -20.45 -12.29 -5.46
CA ARG A 164 -21.24 -13.47 -5.79
C ARG A 164 -20.44 -14.69 -6.19
N ASP A 165 -19.50 -14.55 -7.13
CA ASP A 165 -18.72 -15.71 -7.54
C ASP A 165 -17.88 -16.25 -6.40
N VAL A 166 -17.43 -15.35 -5.53
CA VAL A 166 -16.62 -15.75 -4.37
C VAL A 166 -17.51 -16.45 -3.35
N LYS A 167 -18.67 -15.85 -3.09
CA LYS A 167 -19.63 -16.39 -2.14
C LYS A 167 -20.18 -17.74 -2.55
N TYR A 168 -20.41 -17.92 -3.85
CA TYR A 168 -20.93 -19.18 -4.37
C TYR A 168 -19.84 -20.24 -4.44
N ASP A 169 -18.63 -19.81 -4.81
CA ASP A 169 -17.50 -20.74 -4.91
C ASP A 169 -17.33 -21.55 -3.64
N TRP A 170 -17.33 -20.87 -2.50
CA TRP A 170 -17.18 -21.54 -1.21
C TRP A 170 -18.42 -22.37 -0.88
N LYS A 171 -19.24 -22.61 -1.89
CA LYS A 171 -20.46 -23.42 -1.73
C LYS A 171 -20.58 -24.48 -2.81
N ILE A 172 -20.84 -24.05 -4.04
CA ILE A 172 -21.00 -24.98 -5.15
C ILE A 172 -19.82 -25.95 -5.33
N ARG A 173 -18.62 -25.53 -4.93
CA ARG A 173 -17.44 -26.40 -5.01
C ARG A 173 -17.15 -26.86 -3.57
N ARG A 174 -17.65 -26.06 -2.63
CA ARG A 174 -17.51 -26.32 -1.20
C ARG A 174 -18.27 -27.58 -0.83
N ASP A 175 -19.41 -27.79 -1.48
CA ASP A 175 -20.24 -28.96 -1.24
C ASP A 175 -20.47 -29.71 -2.53
N ASN A 184 -27.65 -31.12 -7.92
CA ASN A 184 -27.05 -29.98 -7.23
C ASN A 184 -28.03 -29.22 -6.33
N GLU A 185 -28.12 -29.66 -5.08
CA GLU A 185 -28.96 -29.03 -4.08
C GLU A 185 -28.56 -27.56 -4.07
N VAL A 186 -27.27 -27.34 -3.84
CA VAL A 186 -26.67 -26.02 -3.77
C VAL A 186 -27.09 -25.09 -4.91
N LEU A 187 -26.98 -25.54 -6.16
CA LEU A 187 -27.37 -24.69 -7.28
C LEU A 187 -28.78 -24.14 -7.09
N ARG A 188 -29.76 -25.06 -7.12
CA ARG A 188 -31.16 -24.71 -6.97
C ARG A 188 -31.45 -23.94 -5.69
N GLU A 189 -30.74 -24.28 -4.62
CA GLU A 189 -30.94 -23.60 -3.35
C GLU A 189 -30.37 -22.18 -3.41
N ILE A 190 -29.34 -21.96 -4.23
CA ILE A 190 -28.74 -20.64 -4.39
C ILE A 190 -29.73 -19.73 -5.11
N LEU A 191 -30.29 -20.25 -6.20
CA LEU A 191 -31.27 -19.48 -6.98
C LEU A 191 -32.44 -19.11 -6.09
N GLN A 192 -32.79 -20.05 -5.22
CA GLN A 192 -33.91 -19.89 -4.30
C GLN A 192 -33.64 -18.92 -3.13
N ARG A 193 -32.37 -18.78 -2.74
CA ARG A 193 -32.01 -17.91 -1.63
C ARG A 193 -31.71 -16.44 -1.96
N GLU A 194 -31.03 -16.21 -3.07
CA GLU A 194 -30.70 -14.85 -3.50
C GLU A 194 -31.75 -13.79 -3.15
N PRO A 195 -33.04 -14.03 -3.48
CA PRO A 195 -34.09 -13.05 -3.17
C PRO A 195 -34.28 -12.86 -1.67
N ASP A 196 -34.26 -13.98 -0.95
CA ASP A 196 -34.42 -13.93 0.50
C ASP A 196 -33.21 -13.25 1.11
N TYR A 197 -32.03 -13.48 0.53
CA TYR A 197 -30.83 -12.85 1.04
C TYR A 197 -31.00 -11.35 1.00
N PHE A 198 -31.27 -10.82 -0.18
CA PHE A 198 -31.44 -9.38 -0.35
C PHE A 198 -32.56 -8.80 0.51
N GLN A 199 -33.53 -9.63 0.84
CA GLN A 199 -34.66 -9.19 1.64
C GLN A 199 -34.53 -9.36 3.14
N TYR A 200 -33.86 -10.41 3.60
CA TYR A 200 -33.76 -10.64 5.04
C TYR A 200 -32.37 -10.59 5.66
N VAL A 201 -31.33 -10.57 4.85
CA VAL A 201 -29.96 -10.55 5.37
C VAL A 201 -29.21 -9.28 5.00
N PHE A 202 -29.29 -8.89 3.72
CA PHE A 202 -28.61 -7.70 3.22
C PHE A 202 -28.88 -6.40 4.00
N PRO A 203 -30.10 -6.22 4.55
CA PRO A 203 -30.36 -4.97 5.28
C PRO A 203 -29.39 -4.70 6.45
N GLN A 204 -28.89 -5.76 7.06
CA GLN A 204 -27.98 -5.63 8.20
C GLN A 204 -26.68 -4.91 7.84
N ARG A 205 -26.23 -5.09 6.61
CA ARG A 205 -24.99 -4.48 6.14
C ARG A 205 -24.94 -2.95 6.35
N GLU A 206 -26.10 -2.31 6.30
CA GLU A 206 -26.21 -0.86 6.44
C GLU A 206 -26.03 -0.33 7.86
N VAL A 207 -26.29 -1.18 8.85
CA VAL A 207 -26.18 -0.77 10.24
C VAL A 207 -24.97 -1.40 10.95
N ALA A 208 -24.04 -1.95 10.17
CA ALA A 208 -22.86 -2.56 10.76
C ALA A 208 -21.71 -1.57 10.98
N ASP A 209 -20.89 -1.83 12.00
CA ASP A 209 -19.75 -0.97 12.30
C ASP A 209 -18.68 -1.23 11.27
N ALA A 210 -18.51 -2.49 10.92
CA ALA A 210 -17.50 -2.87 9.95
C ALA A 210 -18.07 -3.75 8.85
N VAL A 211 -17.73 -3.41 7.62
CA VAL A 211 -18.17 -4.18 6.46
C VAL A 211 -16.91 -4.72 5.80
N ILE A 212 -16.88 -6.02 5.54
CA ILE A 212 -15.73 -6.67 4.90
C ILE A 212 -16.15 -7.22 3.53
N GLN A 213 -15.54 -6.73 2.46
CA GLN A 213 -15.90 -7.20 1.14
C GLN A 213 -14.76 -7.94 0.47
N ILE A 214 -15.04 -9.18 0.08
CA ILE A 214 -14.03 -10.03 -0.55
C ILE A 214 -14.38 -10.27 -2.01
N SER A 215 -13.38 -10.14 -2.88
CA SER A 215 -13.57 -10.38 -4.31
C SER A 215 -12.29 -10.98 -4.87
N TYR A 216 -12.34 -11.58 -6.05
CA TYR A 216 -11.15 -12.18 -6.64
C TYR A 216 -10.03 -11.17 -6.85
N SER A 217 -8.83 -11.58 -6.45
CA SER A 217 -7.66 -10.74 -6.55
C SER A 217 -7.46 -10.16 -7.94
N SER A 218 -6.90 -8.95 -7.99
CA SER A 218 -6.62 -8.28 -9.25
C SER A 218 -5.46 -9.01 -9.91
N TYR A 219 -5.01 -10.07 -9.26
CA TYR A 219 -3.92 -10.91 -9.78
C TYR A 219 -4.57 -12.23 -10.11
N GLY A 220 -3.95 -13.34 -9.71
CA GLY A 220 -4.53 -14.64 -9.99
C GLY A 220 -5.88 -14.90 -9.31
N LYS A 221 -6.95 -14.97 -10.10
CA LYS A 221 -8.28 -15.24 -9.56
C LYS A 221 -8.29 -16.71 -9.15
N GLU A 222 -7.14 -17.34 -9.32
CA GLU A 222 -6.93 -18.73 -8.98
C GLU A 222 -6.17 -18.76 -7.66
N GLU A 223 -5.50 -17.65 -7.36
CA GLU A 223 -4.73 -17.52 -6.13
C GLU A 223 -5.62 -17.53 -4.88
N GLY A 224 -6.89 -17.17 -5.06
CA GLY A 224 -7.82 -17.17 -3.95
C GLY A 224 -7.88 -18.55 -3.33
N GLU A 225 -8.02 -19.57 -4.19
CA GLU A 225 -8.08 -20.95 -3.74
C GLU A 225 -6.68 -21.49 -3.45
N LYS A 226 -5.69 -20.98 -4.17
CA LYS A 226 -4.31 -21.43 -4.05
C LYS A 226 -3.42 -20.83 -2.95
N ARG A 227 -3.64 -19.56 -2.60
CA ARG A 227 -2.83 -18.92 -1.57
C ARG A 227 -3.66 -18.07 -0.60
N ASN A 228 -4.98 -18.18 -0.70
CA ASN A 228 -5.89 -17.41 0.13
C ASN A 228 -5.73 -15.93 -0.17
N VAL A 229 -5.31 -15.62 -1.38
CA VAL A 229 -5.11 -14.24 -1.79
C VAL A 229 -6.33 -13.70 -2.51
N TYR A 230 -7.00 -12.75 -1.87
CA TYR A 230 -8.17 -12.10 -2.43
C TYR A 230 -8.01 -10.60 -2.26
N ARG A 231 -8.86 -9.84 -2.95
CA ARG A 231 -8.85 -8.40 -2.82
C ARG A 231 -9.85 -8.16 -1.70
N VAL A 232 -9.36 -7.68 -0.57
CA VAL A 232 -10.24 -7.45 0.57
C VAL A 232 -10.40 -5.97 0.85
N MET A 233 -11.64 -5.57 1.13
CA MET A 233 -11.98 -4.18 1.42
C MET A 233 -12.71 -4.10 2.76
N LEU A 234 -12.24 -3.24 3.65
CA LEU A 234 -12.83 -3.05 4.98
C LEU A 234 -13.35 -1.62 5.11
N SER A 235 -14.67 -1.46 5.25
CA SER A 235 -15.25 -0.14 5.35
C SER A 235 -15.81 0.08 6.75
N MET A 236 -15.58 1.28 7.26
CA MET A 236 -16.06 1.64 8.58
C MET A 236 -16.40 3.13 8.53
N PRO A 237 -17.30 3.57 9.40
CA PRO A 237 -17.71 4.98 9.45
C PRO A 237 -16.67 5.84 10.19
N ALA A 238 -16.93 7.15 10.33
CA ALA A 238 -16.07 8.13 11.03
C ALA A 238 -15.18 7.58 12.12
N GLN A 239 -13.87 7.62 11.87
CA GLN A 239 -12.88 7.09 12.81
C GLN A 239 -12.37 8.07 13.86
N GLU A 240 -12.79 7.85 15.10
CA GLU A 240 -12.37 8.72 16.19
C GLU A 240 -12.02 7.89 17.42
N TYR A 241 -10.97 8.30 18.12
CA TYR A 241 -10.52 7.60 19.32
C TYR A 241 -9.54 6.48 18.96
N CYS A 242 -8.25 6.70 19.21
CA CYS A 242 -7.27 5.64 18.94
C CYS A 242 -6.54 5.31 20.24
N PHE A 243 -7.01 4.26 20.86
CA PHE A 243 -6.44 3.85 22.12
C PHE A 243 -4.94 4.09 21.99
N GLU A 244 -4.37 3.74 20.82
CA GLU A 244 -2.93 3.84 20.57
C GLU A 244 -2.62 3.78 19.07
N ASP A 245 -1.35 3.87 18.72
CA ASP A 245 -0.92 3.80 17.32
C ASP A 245 -0.85 2.34 16.89
N ILE A 246 -1.34 2.07 15.69
CA ILE A 246 -1.33 0.73 15.12
C ILE A 246 -0.79 0.92 13.71
N GLU A 247 0.47 0.60 13.49
CA GLU A 247 1.04 0.83 12.16
C GLU A 247 1.64 -0.35 11.42
N LEU A 248 1.40 -0.35 10.11
CA LEU A 248 1.88 -1.38 9.19
C LEU A 248 3.25 -0.90 8.70
N ASN A 249 4.26 -1.75 8.80
CA ASN A 249 5.59 -1.36 8.40
C ASN A 249 6.08 -2.01 7.11
N ILE A 250 5.89 -1.30 6.01
CA ILE A 250 6.28 -1.78 4.70
C ILE A 250 7.73 -1.44 4.45
N ASP A 251 8.56 -2.45 4.21
CA ASP A 251 9.97 -2.18 3.95
C ASP A 251 10.14 -1.78 2.48
N LEU A 252 10.66 -0.57 2.25
CA LEU A 252 10.84 -0.06 0.90
C LEU A 252 12.06 -0.54 0.11
N CYS A 253 12.78 -1.54 0.58
CA CYS A 253 13.93 -2.08 -0.16
C CYS A 253 13.55 -3.47 -0.64
N ASP A 254 13.04 -4.26 0.30
CA ASP A 254 12.59 -5.63 0.06
C ASP A 254 11.65 -5.74 -1.13
N LEU A 255 10.64 -4.89 -1.15
CA LEU A 255 9.66 -4.92 -2.23
C LEU A 255 10.29 -4.86 -3.63
N PHE A 256 11.55 -4.42 -3.72
CA PHE A 256 12.22 -4.39 -5.02
C PHE A 256 13.03 -5.66 -5.25
N LYS A 257 12.97 -6.57 -4.28
CA LYS A 257 13.69 -7.82 -4.37
C LYS A 257 12.94 -8.71 -5.35
N LYS A 258 13.68 -9.41 -6.21
CA LYS A 258 13.09 -10.30 -7.20
C LYS A 258 12.03 -11.24 -6.61
N SER A 259 12.36 -11.84 -5.46
CA SER A 259 11.47 -12.80 -4.79
C SER A 259 10.26 -12.16 -4.12
N SER A 260 10.21 -10.83 -4.09
CA SER A 260 9.10 -10.11 -3.45
C SER A 260 7.77 -10.33 -4.17
N HIS A 261 6.70 -10.54 -3.39
CA HIS A 261 5.37 -10.74 -3.95
C HIS A 261 4.59 -9.43 -4.15
N ASP A 262 3.69 -9.41 -5.13
CA ASP A 262 2.86 -8.25 -5.42
C ASP A 262 1.84 -7.93 -4.35
N PHE A 263 1.50 -6.65 -4.21
CA PHE A 263 0.53 -6.23 -3.22
C PHE A 263 0.13 -4.80 -3.51
N SER A 264 -0.99 -4.39 -2.93
CA SER A 264 -1.42 -3.01 -3.08
C SER A 264 -2.23 -2.63 -1.84
N LEU A 265 -2.00 -1.41 -1.39
CA LEU A 265 -2.67 -0.88 -0.20
C LEU A 265 -3.23 0.46 -0.58
N SER A 266 -4.52 0.67 -0.36
CA SER A 266 -5.06 1.97 -0.68
C SER A 266 -6.18 2.30 0.28
N CYS A 267 -6.53 3.57 0.32
CA CYS A 267 -7.57 4.03 1.20
C CYS A 267 -8.43 5.03 0.47
N ILE A 268 -9.70 4.71 0.34
CA ILE A 268 -10.63 5.59 -0.35
C ILE A 268 -11.82 5.86 0.53
N SER A 269 -12.74 6.67 0.01
CA SER A 269 -13.95 6.98 0.73
C SER A 269 -15.11 6.65 -0.21
N HIS A 270 -15.83 5.58 0.08
CA HIS A 270 -16.99 5.22 -0.75
C HIS A 270 -18.25 5.27 0.10
N THR A 271 -19.41 5.23 -0.55
CA THR A 271 -20.67 5.33 0.20
C THR A 271 -21.67 4.19 0.04
N PRO A 272 -21.34 2.99 0.52
CA PRO A 272 -22.29 1.88 0.39
C PRO A 272 -23.50 2.20 1.28
N ASP A 273 -24.67 1.73 0.87
CA ASP A 273 -25.90 1.97 1.63
C ASP A 273 -26.11 3.44 1.95
N SER A 274 -25.67 4.30 1.05
CA SER A 274 -25.84 5.74 1.23
C SER A 274 -25.29 6.34 2.53
N ARG A 275 -24.10 5.91 2.94
CA ARG A 275 -23.50 6.49 4.15
C ARG A 275 -21.99 6.67 3.99
N ASN A 276 -21.45 7.70 4.64
CA ASN A 276 -20.03 8.01 4.53
C ASN A 276 -19.08 7.13 5.31
N MET A 277 -18.35 6.30 4.59
CA MET A 277 -17.39 5.40 5.18
C MET A 277 -16.07 5.55 4.44
N ARG A 278 -15.00 5.07 5.03
CA ARG A 278 -13.71 5.07 4.39
C ARG A 278 -13.34 3.61 4.29
N ALA A 279 -12.62 3.24 3.24
CA ALA A 279 -12.26 1.84 3.09
C ALA A 279 -10.77 1.58 2.88
N LEU A 280 -10.29 0.53 3.54
CA LEU A 280 -8.90 0.10 3.40
C LEU A 280 -9.00 -1.04 2.40
N VAL A 281 -8.29 -0.93 1.30
CA VAL A 281 -8.34 -1.97 0.27
C VAL A 281 -7.02 -2.71 0.23
N VAL A 282 -7.02 -3.99 0.57
CA VAL A 282 -5.77 -4.74 0.53
C VAL A 282 -5.83 -5.88 -0.47
N ASP A 283 -4.79 -6.02 -1.25
CA ASP A 283 -4.75 -7.09 -2.24
C ASP A 283 -3.32 -7.62 -2.31
N GLY A 284 -3.15 -8.89 -2.65
CA GLY A 284 -1.81 -9.43 -2.74
C GLY A 284 -1.26 -9.97 -1.42
N GLU A 285 0.07 -9.99 -1.32
CA GLU A 285 0.74 -10.52 -0.16
C GLU A 285 1.78 -9.59 0.44
N LEU A 286 1.84 -9.57 1.77
CA LEU A 286 2.82 -8.78 2.49
C LEU A 286 3.75 -9.74 3.23
N MET A 287 4.94 -9.28 3.55
CA MET A 287 5.88 -10.11 4.31
C MET A 287 5.35 -10.21 5.75
N PRO A 288 5.70 -11.27 6.47
CA PRO A 288 5.21 -11.39 7.84
C PRO A 288 5.63 -10.27 8.81
N ASP A 289 6.89 -9.84 8.73
CA ASP A 289 7.36 -8.82 9.66
C ASP A 289 6.71 -7.45 9.46
N THR A 290 5.87 -7.34 8.43
CA THR A 290 5.19 -6.10 8.17
C THR A 290 4.15 -5.89 9.27
N ILE A 291 3.75 -6.99 9.90
CA ILE A 291 2.75 -6.95 10.97
C ILE A 291 3.27 -7.46 12.30
N HIS A 292 4.59 -7.56 12.46
CA HIS A 292 5.17 -8.04 13.72
C HIS A 292 4.81 -7.16 14.90
N LYS A 293 4.96 -5.84 14.76
CA LYS A 293 4.63 -4.96 15.85
C LYS A 293 3.13 -4.95 16.16
N ILE A 294 2.28 -4.96 15.13
CA ILE A 294 0.84 -5.00 15.34
C ILE A 294 0.52 -6.25 16.16
N GLU A 295 1.09 -7.39 15.78
CA GLU A 295 0.85 -8.61 16.52
C GLU A 295 1.29 -8.50 17.97
N ARG A 296 2.50 -8.01 18.22
CA ARG A 296 2.99 -7.86 19.57
C ARG A 296 2.13 -6.94 20.41
N GLN A 297 1.57 -5.91 19.79
CA GLN A 297 0.72 -4.98 20.52
C GLN A 297 -0.63 -5.61 20.90
N ILE A 298 -1.10 -6.53 20.07
CA ILE A 298 -2.36 -7.23 20.33
C ILE A 298 -2.07 -8.27 21.42
N GLU A 299 -0.99 -9.01 21.25
CA GLU A 299 -0.60 -10.01 22.24
C GLU A 299 -0.41 -9.35 23.61
N PHE A 300 0.16 -8.16 23.63
CA PHE A 300 0.37 -7.48 24.90
C PHE A 300 -0.93 -7.17 25.60
N GLN A 301 -1.92 -6.67 24.86
CA GLN A 301 -3.21 -6.34 25.45
C GLN A 301 -4.09 -7.56 25.78
N THR A 302 -4.03 -8.61 24.97
CA THR A 302 -4.86 -9.79 25.22
C THR A 302 -4.28 -10.79 26.23
N GLY A 303 -2.95 -10.87 26.28
CA GLY A 303 -2.30 -11.82 27.18
C GLY A 303 -2.16 -13.18 26.49
N ILE A 304 -2.66 -13.26 25.25
CA ILE A 304 -2.59 -14.49 24.46
C ILE A 304 -1.49 -14.39 23.42
N SER A 305 -0.59 -15.37 23.41
CA SER A 305 0.52 -15.41 22.47
C SER A 305 1.16 -16.79 22.43
N PRO A 306 1.83 -17.12 21.31
CA PRO A 306 1.97 -16.24 20.14
C PRO A 306 0.75 -16.36 19.21
N ILE A 307 0.60 -15.43 18.28
CA ILE A 307 -0.54 -15.48 17.35
C ILE A 307 -0.13 -15.61 15.89
N ASN A 308 1.16 -15.75 15.64
CA ASN A 308 1.68 -15.89 14.29
C ASN A 308 1.40 -17.29 13.72
N ILE A 309 0.91 -18.19 14.57
CA ILE A 309 0.58 -19.54 14.14
C ILE A 309 -0.74 -19.46 13.41
N PHE A 310 -1.49 -18.39 13.67
CA PHE A 310 -2.80 -18.19 13.08
C PHE A 310 -2.86 -17.55 11.69
N ARG A 311 -1.72 -17.17 11.15
CA ARG A 311 -1.70 -16.57 9.82
C ARG A 311 -0.54 -17.09 9.00
N GLY A 312 -0.55 -16.82 7.70
CA GLY A 312 0.52 -17.28 6.83
C GLY A 312 1.86 -17.23 7.54
N GLN A 313 2.68 -18.25 7.35
CA GLN A 313 3.98 -18.27 8.01
C GLN A 313 5.04 -17.73 7.07
N GLU A 314 4.66 -17.54 5.82
CA GLU A 314 5.58 -17.04 4.83
C GLU A 314 5.08 -15.73 4.24
N HIS A 315 3.76 -15.57 4.19
CA HIS A 315 3.13 -14.37 3.63
C HIS A 315 1.79 -13.98 4.29
N ILE A 316 1.54 -12.67 4.39
CA ILE A 316 0.30 -12.14 4.96
C ILE A 316 -0.66 -11.73 3.85
N THR A 317 -1.92 -12.16 3.98
CA THR A 317 -2.95 -11.87 3.00
C THR A 317 -3.88 -10.75 3.46
N GLY A 318 -4.66 -10.20 2.53
CA GLY A 318 -5.59 -9.15 2.88
C GLY A 318 -6.49 -9.60 4.00
N THR A 319 -6.83 -10.89 3.99
CA THR A 319 -7.71 -11.51 4.99
C THR A 319 -7.02 -11.66 6.35
N ASP A 320 -5.73 -11.97 6.36
CA ASP A 320 -5.00 -12.09 7.63
C ASP A 320 -4.99 -10.71 8.29
N LEU A 321 -4.58 -9.70 7.52
CA LEU A 321 -4.50 -8.32 7.98
C LEU A 321 -5.82 -7.77 8.49
N VAL A 322 -6.89 -7.93 7.73
CA VAL A 322 -8.20 -7.44 8.15
C VAL A 322 -8.69 -8.06 9.46
N ARG A 323 -8.37 -9.33 9.69
CA ARG A 323 -8.74 -9.98 10.94
C ARG A 323 -8.00 -9.32 12.10
N LEU A 324 -6.72 -9.02 11.87
CA LEU A 324 -5.89 -8.36 12.88
C LEU A 324 -6.46 -6.99 13.20
N ILE A 325 -6.81 -6.25 12.15
CA ILE A 325 -7.35 -4.91 12.36
C ILE A 325 -8.67 -4.92 13.12
N LEU A 326 -9.58 -5.82 12.78
CA LEU A 326 -10.86 -5.86 13.49
C LEU A 326 -10.69 -6.34 14.93
N SER A 327 -9.79 -7.29 15.17
CA SER A 327 -9.60 -7.74 16.54
C SER A 327 -9.03 -6.54 17.31
N TRP A 328 -8.26 -5.71 16.61
CA TRP A 328 -7.69 -4.53 17.24
C TRP A 328 -8.76 -3.44 17.42
N GLN A 329 -9.78 -3.45 16.55
CA GLN A 329 -10.87 -2.47 16.65
C GLN A 329 -11.78 -2.89 17.80
N ILE A 330 -11.85 -4.19 18.06
CA ILE A 330 -12.67 -4.72 19.14
C ILE A 330 -12.07 -4.28 20.46
N ILE A 331 -10.77 -4.54 20.62
CA ILE A 331 -10.05 -4.15 21.84
C ILE A 331 -10.32 -2.65 22.02
N ASN A 332 -9.96 -1.88 21.01
CA ASN A 332 -10.15 -0.44 20.99
C ASN A 332 -11.58 -0.09 21.39
N GLY A 333 -12.53 -0.93 20.98
CA GLY A 333 -13.93 -0.72 21.30
C GLY A 333 -14.21 -1.03 22.76
N ARG A 334 -13.53 -2.03 23.29
CA ARG A 334 -13.72 -2.41 24.68
C ARG A 334 -13.08 -1.39 25.62
N ILE A 335 -11.91 -0.89 25.26
CA ILE A 335 -11.26 0.11 26.11
C ILE A 335 -12.08 1.39 26.07
N ALA A 336 -12.56 1.74 24.89
CA ALA A 336 -13.38 2.94 24.72
C ALA A 336 -14.60 2.85 25.63
N LEU A 337 -15.31 1.73 25.52
CA LEU A 337 -16.52 1.52 26.31
C LEU A 337 -16.31 1.59 27.83
N SER A 338 -15.08 1.39 28.28
CA SER A 338 -14.79 1.47 29.71
C SER A 338 -14.21 2.82 30.06
N ASN A 339 -14.43 3.79 29.19
CA ASN A 339 -13.96 5.14 29.43
C ASN A 339 -15.15 6.02 29.75
N GLN B 23 27.44 -5.90 12.68
CA GLN B 23 27.38 -4.44 12.98
C GLN B 23 26.83 -3.67 11.80
N PRO B 24 25.94 -2.69 12.05
CA PRO B 24 25.37 -1.89 10.96
C PRO B 24 26.45 -1.07 10.26
N GLU B 25 26.25 -0.80 8.97
CA GLU B 25 27.21 -0.02 8.20
C GLU B 25 26.85 1.45 8.17
N ASN B 26 27.85 2.29 7.96
CA ASN B 26 27.65 3.73 7.94
C ASN B 26 28.19 4.45 6.70
N PHE B 27 27.29 5.15 6.03
CA PHE B 27 27.59 5.91 4.82
C PHE B 27 28.79 6.84 4.95
N ARG B 28 28.84 7.61 6.03
CA ARG B 28 29.94 8.54 6.26
C ARG B 28 31.23 7.81 6.59
N GLU B 29 31.10 6.63 7.17
CA GLU B 29 32.27 5.84 7.53
C GLU B 29 32.88 5.31 6.23
N VAL B 30 32.01 4.90 5.32
CA VAL B 30 32.43 4.36 4.05
C VAL B 30 33.14 5.36 3.14
N ILE B 31 32.68 6.60 3.11
CA ILE B 31 33.31 7.57 2.22
C ILE B 31 34.49 8.38 2.77
N ARG B 32 34.65 8.46 4.08
CA ARG B 32 35.77 9.20 4.63
C ARG B 32 37.10 8.53 4.30
N HIS B 33 37.18 7.22 4.53
CA HIS B 33 38.41 6.49 4.24
C HIS B 33 38.75 6.30 2.76
N SER B 34 37.79 6.58 1.88
CA SER B 34 37.99 6.40 0.44
C SER B 34 37.99 7.67 -0.41
N PRO B 35 38.77 7.64 -1.52
CA PRO B 35 38.91 8.74 -2.48
C PRO B 35 38.05 8.44 -3.71
N LEU B 36 37.30 7.36 -3.63
CA LEU B 36 36.43 6.91 -4.71
C LEU B 36 35.38 7.97 -5.04
N VAL B 37 35.25 8.30 -6.33
CA VAL B 37 34.26 9.27 -6.78
C VAL B 37 33.01 8.57 -7.30
N TYR B 38 31.89 8.78 -6.63
CA TYR B 38 30.62 8.18 -7.02
C TYR B 38 29.96 8.99 -8.14
N LEU B 39 29.76 8.37 -9.29
CA LEU B 39 29.16 9.08 -10.43
C LEU B 39 27.68 8.74 -10.62
N ILE B 40 26.84 9.77 -10.66
CA ILE B 40 25.40 9.57 -10.81
C ILE B 40 24.84 10.27 -12.06
N GLY B 41 24.22 9.48 -12.94
CA GLY B 41 23.67 10.03 -14.17
C GLY B 41 22.16 10.23 -14.10
N VAL B 42 21.69 11.38 -14.58
CA VAL B 42 20.27 11.68 -14.57
C VAL B 42 19.90 12.04 -16.00
N ALA B 43 19.22 11.12 -16.66
CA ALA B 43 18.83 11.29 -18.05
C ALA B 43 17.34 11.51 -18.22
N GLY B 44 17.00 12.24 -19.28
CA GLY B 44 15.62 12.52 -19.58
C GLY B 44 15.51 13.58 -20.68
N ASP B 45 14.31 13.69 -21.22
CA ASP B 45 14.01 14.65 -22.27
C ASP B 45 13.91 16.03 -21.61
N SER B 46 14.03 17.09 -22.39
CA SER B 46 13.95 18.43 -21.80
C SER B 46 12.52 18.66 -21.32
N GLY B 47 12.39 19.29 -20.16
CA GLY B 47 11.08 19.52 -19.60
C GLY B 47 10.54 18.22 -19.03
N SER B 48 11.44 17.29 -18.74
CA SER B 48 11.02 16.01 -18.20
C SER B 48 11.08 15.97 -16.68
N GLY B 49 11.40 17.09 -16.05
CA GLY B 49 11.47 17.13 -14.59
C GLY B 49 12.74 16.53 -14.01
N LYS B 50 13.82 16.51 -14.78
CA LYS B 50 15.11 15.97 -14.35
C LYS B 50 15.66 16.68 -13.11
N SER B 51 15.75 18.00 -13.20
CA SER B 51 16.28 18.86 -12.13
C SER B 51 15.57 18.73 -10.78
N THR B 52 14.30 18.32 -10.74
CA THR B 52 13.66 18.20 -9.44
C THR B 52 14.35 17.07 -8.69
N PHE B 53 14.86 16.08 -9.42
CA PHE B 53 15.55 14.95 -8.79
C PHE B 53 17.01 15.29 -8.55
N THR B 54 17.59 16.14 -9.39
CA THR B 54 18.97 16.55 -9.21
C THR B 54 19.06 17.41 -7.96
N ARG B 55 18.05 18.24 -7.75
CA ARG B 55 18.03 19.10 -6.58
C ARG B 55 17.85 18.24 -5.34
N ALA B 56 16.93 17.28 -5.42
CA ALA B 56 16.65 16.38 -4.32
C ALA B 56 17.90 15.73 -3.78
N ILE B 57 18.73 15.21 -4.69
CA ILE B 57 19.96 14.54 -4.33
C ILE B 57 20.95 15.52 -3.70
N SER B 58 20.97 16.75 -4.21
CA SER B 58 21.87 17.75 -3.67
C SER B 58 21.45 18.18 -2.27
N ASP B 59 20.18 18.53 -2.12
CA ASP B 59 19.63 18.96 -0.83
C ASP B 59 19.87 17.91 0.24
N ILE B 60 19.54 16.66 -0.09
CA ILE B 60 19.68 15.55 0.83
C ILE B 60 21.12 15.19 1.19
N PHE B 61 22.02 15.27 0.22
CA PHE B 61 23.43 14.92 0.46
C PHE B 61 24.37 16.09 0.78
N GLY B 62 23.91 17.31 0.62
CA GLY B 62 24.77 18.44 0.95
C GLY B 62 25.73 18.94 -0.12
N GLU B 63 26.02 20.23 -0.03
CA GLU B 63 26.91 20.94 -0.96
C GLU B 63 28.36 20.48 -0.92
N GLU B 64 28.80 19.89 0.19
CA GLU B 64 30.18 19.42 0.27
C GLU B 64 30.38 18.07 -0.42
N LEU B 65 29.40 17.19 -0.29
CA LEU B 65 29.51 15.87 -0.91
C LEU B 65 29.15 15.92 -2.39
N VAL B 66 28.18 16.76 -2.74
CA VAL B 66 27.71 16.82 -4.10
C VAL B 66 27.95 18.08 -4.95
N SER B 67 28.36 17.84 -6.19
CA SER B 67 28.59 18.87 -7.18
C SER B 67 28.01 18.26 -8.48
N SER B 68 27.45 19.09 -9.36
CA SER B 68 26.87 18.54 -10.58
C SER B 68 27.31 19.23 -11.86
N ILE B 69 27.05 18.54 -12.98
CA ILE B 69 27.38 19.01 -14.32
C ILE B 69 26.21 18.76 -15.25
N THR B 70 25.95 19.70 -16.16
CA THR B 70 24.88 19.53 -17.13
C THR B 70 25.51 19.24 -18.48
N VAL B 71 25.00 18.22 -19.16
CA VAL B 71 25.54 17.85 -20.44
C VAL B 71 25.44 18.97 -21.48
N ASP B 72 24.61 19.98 -21.19
CA ASP B 72 24.46 21.11 -22.11
C ASP B 72 25.80 21.80 -22.36
N ASP B 73 26.64 21.86 -21.34
CA ASP B 73 27.94 22.49 -21.46
C ASP B 73 28.70 21.90 -22.64
N TYR B 74 28.29 20.73 -23.09
CA TYR B 74 28.97 20.09 -24.20
C TYR B 74 28.31 20.21 -25.56
N HIS B 75 27.53 21.26 -25.80
CA HIS B 75 26.91 21.45 -27.10
C HIS B 75 28.05 21.76 -28.07
N LEU B 76 27.96 21.27 -29.31
CA LEU B 76 29.00 21.55 -30.30
C LEU B 76 28.69 22.86 -31.00
N TYR B 77 27.41 23.09 -31.24
CA TYR B 77 26.95 24.29 -31.89
C TYR B 77 26.24 25.15 -30.86
N ASP B 78 26.18 26.45 -31.10
CA ASP B 78 25.51 27.35 -30.17
C ASP B 78 24.07 27.59 -30.62
N ARG B 79 23.26 28.14 -29.72
CA ARG B 79 21.84 28.41 -29.98
C ARG B 79 21.57 28.94 -31.40
N LYS B 80 22.42 29.87 -31.84
CA LYS B 80 22.28 30.48 -33.16
C LYS B 80 22.51 29.51 -34.33
N THR B 81 23.74 29.01 -34.45
CA THR B 81 24.09 28.10 -35.53
C THR B 81 23.14 26.92 -35.67
N ARG B 82 22.74 26.33 -34.54
CA ARG B 82 21.83 25.19 -34.58
C ARG B 82 20.52 25.48 -35.30
N SER B 83 19.99 26.67 -35.08
CA SER B 83 18.74 27.07 -35.72
C SER B 83 18.93 27.16 -37.24
N GLU B 84 20.08 27.70 -37.64
CA GLU B 84 20.41 27.87 -39.06
C GLU B 84 20.64 26.52 -39.76
N MET B 85 21.07 25.52 -39.00
CA MET B 85 21.32 24.19 -39.54
C MET B 85 20.06 23.34 -39.39
N GLY B 86 19.08 23.85 -38.64
CA GLY B 86 17.86 23.11 -38.43
C GLY B 86 18.16 21.84 -37.65
N ILE B 87 19.30 21.85 -36.97
CA ILE B 87 19.77 20.73 -36.18
C ILE B 87 19.31 20.86 -34.72
N THR B 88 18.73 19.80 -34.17
CA THR B 88 18.27 19.85 -32.78
C THR B 88 19.33 19.28 -31.84
N PRO B 89 19.33 19.72 -30.57
CA PRO B 89 20.28 19.27 -29.56
C PRO B 89 20.09 17.81 -29.14
N LEU B 90 18.97 17.21 -29.56
CA LEU B 90 18.67 15.82 -29.21
C LEU B 90 19.55 14.80 -29.92
N LEU B 91 20.26 15.24 -30.96
CA LEU B 91 21.14 14.34 -31.70
C LEU B 91 22.49 14.16 -30.98
N HIS B 92 23.09 12.99 -31.12
CA HIS B 92 24.37 12.75 -30.48
C HIS B 92 25.44 13.61 -31.12
N THR B 93 25.50 13.58 -32.45
CA THR B 93 26.49 14.35 -33.20
C THR B 93 26.38 15.85 -32.96
N ALA B 94 25.39 16.26 -32.17
CA ALA B 94 25.20 17.67 -31.85
C ALA B 94 25.83 17.96 -30.48
N ASN B 95 26.47 16.94 -29.90
CA ASN B 95 27.09 17.07 -28.58
C ASN B 95 28.45 16.40 -28.49
N ASN B 96 29.34 17.04 -27.75
CA ASN B 96 30.70 16.58 -27.55
C ASN B 96 30.73 15.45 -26.53
N LEU B 97 30.15 14.32 -26.88
CA LEU B 97 30.11 13.17 -25.99
C LEU B 97 31.48 12.53 -25.81
N LYS B 98 32.39 12.80 -26.73
CA LYS B 98 33.75 12.26 -26.60
C LYS B 98 34.48 13.06 -25.52
N LEU B 99 34.26 14.38 -25.50
CA LEU B 99 34.89 15.23 -24.50
C LEU B 99 34.30 14.95 -23.11
N LEU B 100 33.02 14.61 -23.07
CA LEU B 100 32.37 14.32 -21.79
C LEU B 100 32.96 13.08 -21.17
N GLU B 101 33.08 12.02 -21.98
CA GLU B 101 33.65 10.77 -21.48
C GLU B 101 35.08 11.04 -21.01
N GLU B 102 35.81 11.88 -21.74
CA GLU B 102 37.19 12.21 -21.38
C GLU B 102 37.22 12.89 -20.01
N ASN B 103 36.33 13.85 -19.81
CA ASN B 103 36.27 14.55 -18.53
C ASN B 103 35.86 13.63 -17.38
N LEU B 104 34.80 12.85 -17.58
CA LEU B 104 34.33 11.96 -16.52
C LEU B 104 35.41 10.99 -16.06
N MET B 105 36.12 10.38 -17.00
CA MET B 105 37.18 9.45 -16.62
C MET B 105 38.22 10.15 -15.77
N ASP B 106 38.50 11.42 -16.07
CA ASP B 106 39.47 12.17 -15.29
C ASP B 106 38.94 12.42 -13.89
N LEU B 107 37.68 12.83 -13.80
CA LEU B 107 37.05 13.10 -12.52
C LEU B 107 37.08 11.88 -11.61
N LYS B 108 36.71 10.72 -12.16
CA LYS B 108 36.71 9.46 -11.42
C LYS B 108 38.09 9.25 -10.81
N ALA B 109 39.13 9.50 -11.61
CA ALA B 109 40.51 9.35 -11.15
C ALA B 109 40.89 10.46 -10.17
N GLY B 110 39.94 11.34 -9.87
CA GLY B 110 40.20 12.42 -8.93
C GLY B 110 40.93 13.64 -9.49
N ARG B 111 41.23 13.62 -10.79
CA ARG B 111 41.93 14.74 -11.45
C ARG B 111 40.97 15.91 -11.69
N THR B 112 41.50 17.13 -11.65
CA THR B 112 40.69 18.31 -11.91
C THR B 112 40.61 18.44 -13.42
N ILE B 113 39.51 19.01 -13.91
CA ILE B 113 39.35 19.15 -15.35
C ILE B 113 38.98 20.56 -15.76
N GLN B 114 39.23 20.85 -17.03
CA GLN B 114 38.87 22.15 -17.60
C GLN B 114 37.76 21.75 -18.58
N LYS B 115 36.53 22.18 -18.28
CA LYS B 115 35.38 21.83 -19.10
C LYS B 115 34.66 23.00 -19.75
N PRO B 116 34.07 22.77 -20.93
CA PRO B 116 33.36 23.84 -21.63
C PRO B 116 32.17 24.33 -20.80
N VAL B 117 31.57 25.43 -21.22
CA VAL B 117 30.43 25.98 -20.50
C VAL B 117 29.46 26.65 -21.45
N TYR B 118 28.21 26.21 -21.38
CA TYR B 118 27.17 26.78 -22.20
C TYR B 118 26.41 27.76 -21.30
N LEU B 119 25.65 28.67 -21.91
CA LEU B 119 24.89 29.64 -21.14
C LEU B 119 23.43 29.67 -21.58
N GLY B 123 22.51 32.67 -25.12
CA GLY B 123 22.43 31.28 -25.54
C GLY B 123 23.67 30.90 -26.33
N THR B 124 24.81 30.83 -25.64
CA THR B 124 26.03 30.57 -26.34
C THR B 124 27.16 30.07 -25.48
N PHE B 125 28.26 29.72 -26.14
CA PHE B 125 29.46 29.22 -25.49
C PHE B 125 30.03 30.25 -24.54
N GLY B 126 30.60 29.78 -23.43
CA GLY B 126 31.19 30.70 -22.47
C GLY B 126 32.63 30.33 -22.17
N GLU B 127 33.21 31.03 -21.20
CA GLU B 127 34.57 30.77 -20.80
C GLU B 127 34.66 29.39 -20.20
N PRO B 128 35.63 28.57 -20.63
CA PRO B 128 35.75 27.23 -20.06
C PRO B 128 35.94 27.28 -18.53
N GLU B 129 35.59 26.18 -17.87
CA GLU B 129 35.69 26.08 -16.41
C GLU B 129 36.74 25.09 -15.91
N LEU B 130 37.18 25.35 -14.69
CA LEU B 130 38.14 24.49 -14.03
C LEU B 130 37.30 23.83 -12.94
N PHE B 131 36.73 22.68 -13.27
CA PHE B 131 35.86 21.93 -12.36
C PHE B 131 36.64 20.84 -11.65
N SER B 132 36.50 20.76 -10.33
CA SER B 132 37.22 19.74 -9.57
C SER B 132 36.31 18.81 -8.78
N PRO B 133 36.67 17.52 -8.73
CA PRO B 133 35.97 16.40 -8.05
C PRO B 133 35.40 16.64 -6.66
N THR B 134 34.41 15.83 -6.32
CA THR B 134 33.78 15.81 -5.00
C THR B 134 33.32 14.37 -4.87
N LYS B 135 33.09 13.89 -3.66
CA LYS B 135 32.69 12.50 -3.45
C LYS B 135 31.52 12.04 -4.34
N PHE B 136 30.59 12.95 -4.64
CA PHE B 136 29.46 12.61 -5.48
C PHE B 136 29.29 13.63 -6.58
N ILE B 137 29.18 13.16 -7.80
CA ILE B 137 28.99 14.06 -8.93
C ILE B 137 27.76 13.63 -9.70
N ILE B 138 26.88 14.57 -10.00
CA ILE B 138 25.68 14.26 -10.76
C ILE B 138 25.86 14.81 -12.18
N ILE B 139 25.71 13.94 -13.17
CA ILE B 139 25.80 14.36 -14.56
C ILE B 139 24.36 14.34 -15.04
N GLU B 140 23.83 15.53 -15.33
CA GLU B 140 22.44 15.67 -15.74
C GLU B 140 22.36 16.22 -17.15
N GLY B 141 21.48 15.63 -17.95
CA GLY B 141 21.32 16.10 -19.32
C GLY B 141 20.50 15.16 -20.19
N LEU B 142 20.58 15.38 -21.50
CA LEU B 142 19.87 14.58 -22.48
C LEU B 142 20.60 13.25 -22.74
N HIS B 143 21.92 13.29 -22.82
CA HIS B 143 22.71 12.08 -23.07
C HIS B 143 23.78 11.74 -22.04
N PRO B 144 23.50 11.92 -20.75
CA PRO B 144 24.51 11.59 -19.73
C PRO B 144 25.18 10.24 -19.97
N TYR B 145 24.38 9.23 -20.30
CA TYR B 145 24.95 7.91 -20.57
C TYR B 145 24.37 7.28 -21.84
N ALA B 146 24.31 8.07 -22.90
CA ALA B 146 23.76 7.62 -24.18
C ALA B 146 24.56 6.52 -24.89
N THR B 147 25.82 6.34 -24.51
CA THR B 147 26.66 5.33 -25.12
C THR B 147 27.07 4.28 -24.08
N LYS B 148 27.54 3.14 -24.56
CA LYS B 148 27.98 2.07 -23.69
C LYS B 148 29.24 2.50 -22.92
N SER B 149 30.10 3.24 -23.60
CA SER B 149 31.33 3.71 -22.99
C SER B 149 31.01 4.64 -21.83
N LEU B 150 30.11 5.58 -22.05
CA LEU B 150 29.72 6.52 -20.99
C LEU B 150 28.97 5.76 -19.89
N ARG B 151 28.07 4.87 -20.27
CA ARG B 151 27.30 4.12 -19.29
C ARG B 151 28.17 3.37 -18.30
N ALA B 152 29.18 2.67 -18.81
CA ALA B 152 30.08 1.89 -17.99
C ALA B 152 30.82 2.68 -16.90
N LEU B 153 30.82 4.01 -17.01
CA LEU B 153 31.51 4.87 -16.05
C LEU B 153 30.68 5.19 -14.80
N TYR B 154 29.35 5.13 -14.95
CA TYR B 154 28.43 5.45 -13.86
C TYR B 154 28.26 4.38 -12.79
N ASP B 155 28.10 4.81 -11.55
CA ASP B 155 27.90 3.89 -10.46
C ASP B 155 26.42 3.88 -10.12
N TYR B 156 25.68 4.83 -10.69
CA TYR B 156 24.24 4.91 -10.48
C TYR B 156 23.57 5.79 -11.54
N THR B 157 22.54 5.24 -12.17
CA THR B 157 21.81 5.94 -13.21
C THR B 157 20.29 6.03 -12.99
N ILE B 158 19.75 7.18 -13.31
CA ILE B 158 18.34 7.44 -13.15
C ILE B 158 17.80 7.97 -14.47
N PHE B 159 16.61 7.55 -14.84
CA PHE B 159 15.99 8.02 -16.08
C PHE B 159 14.60 8.54 -15.69
N VAL B 160 14.34 9.81 -16.04
CA VAL B 160 13.08 10.44 -15.73
C VAL B 160 12.21 10.41 -16.97
N ASP B 161 11.10 9.68 -16.86
CA ASP B 161 10.18 9.48 -18.00
C ASP B 161 8.71 9.74 -17.69
N PRO B 162 8.29 11.01 -17.66
CA PRO B 162 6.88 11.28 -17.37
C PRO B 162 5.95 10.98 -18.56
N GLU B 163 4.65 10.83 -18.30
CA GLU B 163 3.74 10.55 -19.40
C GLU B 163 3.66 11.77 -20.32
N ARG B 164 3.30 11.53 -21.59
CA ARG B 164 3.26 12.61 -22.57
C ARG B 164 2.33 13.76 -22.22
N ASP B 165 1.10 13.46 -21.78
CA ASP B 165 0.15 14.51 -21.47
C ASP B 165 0.62 15.37 -20.31
N VAL B 166 1.19 14.73 -19.29
CA VAL B 166 1.70 15.49 -18.15
C VAL B 166 2.86 16.37 -18.58
N LYS B 167 3.81 15.78 -19.30
CA LYS B 167 5.00 16.50 -19.73
C LYS B 167 4.76 17.71 -20.63
N TYR B 168 3.79 17.60 -21.53
CA TYR B 168 3.51 18.69 -22.42
C TYR B 168 2.76 19.79 -21.70
N ASP B 169 1.98 19.40 -20.69
CA ASP B 169 1.26 20.38 -19.90
C ASP B 169 2.30 21.24 -19.18
N TRP B 170 3.26 20.61 -18.53
CA TRP B 170 4.31 21.35 -17.83
C TRP B 170 4.99 22.28 -18.84
N LYS B 171 4.98 21.90 -20.11
CA LYS B 171 5.62 22.72 -21.12
C LYS B 171 4.81 23.99 -21.35
N ILE B 172 3.49 23.86 -21.52
CA ILE B 172 2.66 25.02 -21.74
C ILE B 172 2.73 25.89 -20.49
N ARG B 173 2.60 25.26 -19.33
CA ARG B 173 2.66 25.99 -18.06
C ARG B 173 3.86 26.93 -18.06
N ARG B 174 4.92 26.53 -18.76
CA ARG B 174 6.13 27.35 -18.86
C ARG B 174 5.99 28.27 -20.05
N ASP B 175 6.37 27.75 -21.22
CA ASP B 175 6.31 28.49 -22.47
C ASP B 175 4.99 29.25 -22.62
N ASN B 184 -0.23 24.14 -28.21
CA ASN B 184 -0.82 24.68 -29.44
C ASN B 184 0.10 25.74 -29.99
N GLU B 185 0.36 26.74 -29.16
CA GLU B 185 1.25 27.81 -29.56
C GLU B 185 2.63 27.20 -29.81
N VAL B 186 2.90 26.04 -29.18
CA VAL B 186 4.20 25.36 -29.30
C VAL B 186 4.06 23.86 -29.55
N LEU B 187 2.93 23.45 -30.14
CA LEU B 187 2.67 22.04 -30.40
C LEU B 187 3.56 21.37 -31.46
N ARG B 188 4.13 22.16 -32.35
CA ARG B 188 4.99 21.60 -33.40
C ARG B 188 6.34 21.18 -32.84
N GLU B 189 6.91 22.03 -31.99
CA GLU B 189 8.21 21.76 -31.38
C GLU B 189 8.19 20.35 -30.81
N ILE B 190 7.23 20.09 -29.95
CA ILE B 190 7.07 18.80 -29.30
C ILE B 190 7.09 17.64 -30.27
N LEU B 191 6.04 17.54 -31.09
CA LEU B 191 5.90 16.45 -32.06
C LEU B 191 7.08 16.37 -33.02
N GLN B 192 7.69 17.51 -33.30
CA GLN B 192 8.83 17.59 -34.20
C GLN B 192 10.03 16.80 -33.65
N ARG B 193 10.36 17.07 -32.39
CA ARG B 193 11.50 16.46 -31.70
C ARG B 193 11.31 15.06 -31.13
N GLU B 194 10.05 14.63 -31.00
CA GLU B 194 9.76 13.30 -30.44
C GLU B 194 10.53 12.15 -31.08
N PRO B 195 10.59 12.10 -32.42
CA PRO B 195 11.34 11.00 -33.03
C PRO B 195 12.82 10.99 -32.64
N ASP B 196 13.42 12.17 -32.46
CA ASP B 196 14.83 12.27 -32.05
C ASP B 196 14.98 11.80 -30.61
N TYR B 197 14.05 12.21 -29.75
CA TYR B 197 14.07 11.80 -28.36
C TYR B 197 14.06 10.27 -28.24
N PHE B 198 13.16 9.62 -28.98
CA PHE B 198 13.06 8.17 -28.96
C PHE B 198 14.29 7.48 -29.51
N GLN B 199 14.92 8.12 -30.48
CA GLN B 199 16.08 7.53 -31.10
C GLN B 199 17.37 7.75 -30.30
N TYR B 200 17.53 8.95 -29.74
CA TYR B 200 18.76 9.28 -29.02
C TYR B 200 18.76 9.46 -27.51
N VAL B 201 17.59 9.60 -26.90
CA VAL B 201 17.51 9.80 -25.46
C VAL B 201 16.84 8.63 -24.77
N PHE B 202 15.71 8.18 -25.34
CA PHE B 202 14.92 7.08 -24.81
C PHE B 202 15.65 5.77 -24.56
N PRO B 203 16.66 5.44 -25.39
CA PRO B 203 17.37 4.18 -25.13
C PRO B 203 17.99 4.07 -23.72
N GLN B 204 18.52 5.18 -23.21
CA GLN B 204 19.13 5.20 -21.89
C GLN B 204 18.20 4.60 -20.82
N ARG B 205 16.90 4.71 -21.07
CA ARG B 205 15.92 4.19 -20.14
C ARG B 205 16.14 2.70 -19.86
N GLU B 206 16.53 1.97 -20.90
CA GLU B 206 16.78 0.53 -20.82
C GLU B 206 17.95 0.07 -19.91
N VAL B 207 18.86 0.98 -19.60
CA VAL B 207 20.02 0.63 -18.76
C VAL B 207 20.18 1.50 -17.52
N ALA B 208 19.05 1.99 -16.99
CA ALA B 208 19.06 2.85 -15.80
C ALA B 208 18.72 2.07 -14.53
N ASP B 209 19.43 2.35 -13.44
CA ASP B 209 19.20 1.68 -12.17
C ASP B 209 17.85 2.06 -11.58
N ALA B 210 17.30 3.19 -12.00
CA ALA B 210 16.00 3.63 -11.49
C ALA B 210 15.31 4.43 -12.57
N VAL B 211 14.03 4.14 -12.78
CA VAL B 211 13.24 4.84 -13.79
C VAL B 211 12.04 5.44 -13.09
N ILE B 212 11.83 6.74 -13.28
CA ILE B 212 10.73 7.41 -12.62
C ILE B 212 9.72 7.96 -13.60
N GLN B 213 8.48 7.53 -13.44
CA GLN B 213 7.42 8.00 -14.31
C GLN B 213 6.27 8.64 -13.58
N ILE B 214 6.15 9.96 -13.75
CA ILE B 214 5.08 10.73 -13.14
C ILE B 214 3.95 10.87 -14.15
N SER B 215 2.73 10.63 -13.69
CA SER B 215 1.56 10.76 -14.55
C SER B 215 0.46 11.38 -13.71
N TYR B 216 -0.72 11.57 -14.29
CA TYR B 216 -1.82 12.15 -13.54
C TYR B 216 -2.38 11.20 -12.50
N SER B 217 -2.71 11.75 -11.34
CA SER B 217 -3.25 10.97 -10.25
C SER B 217 -4.62 10.42 -10.63
N SER B 218 -4.91 9.22 -10.18
CA SER B 218 -6.22 8.64 -10.47
C SER B 218 -7.24 9.30 -9.55
N TYR B 219 -6.88 10.46 -9.03
CA TYR B 219 -7.76 11.22 -8.15
C TYR B 219 -8.02 12.59 -8.81
N GLY B 220 -7.61 12.71 -10.08
CA GLY B 220 -7.82 13.93 -10.85
C GLY B 220 -6.58 14.64 -11.36
N LYS B 221 -6.63 15.14 -12.59
CA LYS B 221 -5.50 15.88 -13.17
C LYS B 221 -5.26 17.14 -12.35
N GLU B 222 -6.36 17.72 -11.89
CA GLU B 222 -6.34 18.96 -11.11
C GLU B 222 -5.42 18.89 -9.88
N GLU B 223 -5.37 17.72 -9.25
CA GLU B 223 -4.54 17.52 -8.06
C GLU B 223 -3.06 17.65 -8.40
N GLY B 224 -2.75 17.66 -9.70
CA GLY B 224 -1.36 17.75 -10.15
C GLY B 224 -0.67 19.03 -9.75
N GLU B 225 -1.18 20.17 -10.21
CA GLU B 225 -0.58 21.45 -9.87
C GLU B 225 -1.19 22.05 -8.61
N LYS B 226 -2.42 21.65 -8.30
CA LYS B 226 -3.09 22.18 -7.11
C LYS B 226 -2.40 21.77 -5.80
N ARG B 227 -2.08 20.49 -5.67
CA ARG B 227 -1.43 19.97 -4.47
C ARG B 227 -0.18 19.17 -4.80
N ASN B 228 0.20 19.16 -6.06
CA ASN B 228 1.37 18.39 -6.50
C ASN B 228 1.21 16.91 -6.15
N VAL B 229 0.00 16.40 -6.39
CA VAL B 229 -0.32 15.01 -6.14
C VAL B 229 -0.40 14.31 -7.50
N TYR B 230 0.59 13.47 -7.78
CA TYR B 230 0.65 12.74 -9.03
C TYR B 230 0.76 11.25 -8.77
N ARG B 231 0.48 10.44 -9.78
CA ARG B 231 0.61 9.00 -9.65
C ARG B 231 2.07 8.77 -10.06
N VAL B 232 2.95 8.60 -9.08
CA VAL B 232 4.36 8.39 -9.37
C VAL B 232 4.74 6.92 -9.29
N MET B 233 5.59 6.49 -10.22
CA MET B 233 6.03 5.11 -10.24
C MET B 233 7.56 5.01 -10.27
N LEU B 234 8.10 4.21 -9.37
CA LEU B 234 9.54 4.00 -9.32
C LEU B 234 9.78 2.56 -9.76
N SER B 235 10.55 2.41 -10.84
CA SER B 235 10.87 1.09 -11.37
C SER B 235 12.35 0.79 -11.20
N MET B 236 12.66 -0.38 -10.65
CA MET B 236 14.05 -0.76 -10.43
C MET B 236 14.30 -2.23 -10.69
N PRO B 237 15.55 -2.60 -11.01
CA PRO B 237 15.88 -4.01 -11.28
C PRO B 237 15.96 -4.75 -9.96
N ALA B 238 16.13 -6.06 -10.02
CA ALA B 238 16.22 -6.87 -8.82
C ALA B 238 17.13 -6.26 -7.76
N GLN B 239 16.61 -6.02 -6.57
CA GLN B 239 17.42 -5.46 -5.49
C GLN B 239 18.51 -6.45 -5.07
N GLU B 240 19.76 -6.07 -5.29
CA GLU B 240 20.89 -6.93 -4.92
C GLU B 240 21.34 -6.79 -3.46
N TYR B 241 20.96 -5.70 -2.81
CA TYR B 241 21.41 -5.49 -1.43
C TYR B 241 20.61 -4.44 -0.63
N CYS B 242 20.39 -4.73 0.65
CA CYS B 242 19.68 -3.79 1.54
C CYS B 242 20.58 -3.64 2.80
N PHE B 243 21.21 -2.47 2.98
CA PHE B 243 22.11 -2.28 4.11
C PHE B 243 21.41 -2.11 5.45
N GLU B 244 20.10 -1.88 5.44
CA GLU B 244 19.34 -1.73 6.68
C GLU B 244 17.85 -1.68 6.42
N ASP B 245 17.06 -1.98 7.43
CA ASP B 245 15.62 -1.90 7.28
C ASP B 245 15.29 -0.44 7.00
N ILE B 246 14.34 -0.20 6.11
CA ILE B 246 13.93 1.15 5.75
C ILE B 246 12.43 1.02 5.56
N GLU B 247 11.69 1.34 6.61
CA GLU B 247 10.25 1.16 6.59
C GLU B 247 9.34 2.37 6.55
N LEU B 248 8.20 2.18 5.90
CA LEU B 248 7.17 3.21 5.77
C LEU B 248 6.14 2.78 6.82
N ASN B 249 5.81 3.67 7.75
CA ASN B 249 4.89 3.29 8.82
C ASN B 249 3.48 3.85 8.64
N ILE B 250 2.56 2.98 8.23
CA ILE B 250 1.18 3.38 8.00
C ILE B 250 0.30 3.02 9.19
N ASP B 251 -0.33 4.02 9.80
CA ASP B 251 -1.23 3.75 10.92
C ASP B 251 -2.57 3.27 10.36
N LEU B 252 -2.98 2.06 10.71
CA LEU B 252 -4.23 1.48 10.23
C LEU B 252 -5.49 1.98 10.94
N CYS B 253 -5.37 2.91 11.90
CA CYS B 253 -6.52 3.48 12.61
C CYS B 253 -6.76 4.89 12.07
N ASP B 254 -5.67 5.59 11.74
CA ASP B 254 -5.76 6.96 11.23
C ASP B 254 -6.47 7.08 9.88
N LEU B 255 -6.18 6.16 8.95
CA LEU B 255 -6.80 6.23 7.64
C LEU B 255 -8.31 6.05 7.69
N PHE B 256 -8.86 5.69 8.85
CA PHE B 256 -10.31 5.53 9.00
C PHE B 256 -10.97 6.81 9.51
N LYS B 257 -10.16 7.77 9.95
CA LYS B 257 -10.68 9.05 10.44
C LYS B 257 -11.20 9.79 9.22
N LYS B 258 -12.31 10.51 9.38
CA LYS B 258 -12.82 11.29 8.26
C LYS B 258 -11.75 12.38 8.15
N SER B 259 -11.66 13.04 7.01
CA SER B 259 -10.66 14.08 6.79
C SER B 259 -9.34 13.41 6.43
N SER B 260 -9.33 12.08 6.44
CA SER B 260 -8.16 11.31 6.08
C SER B 260 -8.08 11.36 4.58
N HIS B 261 -6.91 11.68 4.05
CA HIS B 261 -6.72 11.77 2.60
C HIS B 261 -6.46 10.43 1.93
N ASP B 262 -6.91 10.30 0.69
CA ASP B 262 -6.72 9.06 -0.05
C ASP B 262 -5.30 8.86 -0.54
N PHE B 263 -4.93 7.59 -0.68
CA PHE B 263 -3.61 7.26 -1.16
C PHE B 263 -3.62 5.82 -1.61
N SER B 264 -2.71 5.47 -2.49
CA SER B 264 -2.57 4.08 -2.91
C SER B 264 -1.09 3.84 -3.07
N LEU B 265 -0.67 2.68 -2.58
CA LEU B 265 0.70 2.25 -2.63
C LEU B 265 0.63 0.82 -3.09
N SER B 266 1.41 0.49 -4.12
CA SER B 266 1.43 -0.88 -4.62
C SER B 266 2.76 -1.19 -5.27
N CYS B 267 3.05 -2.47 -5.39
CA CYS B 267 4.28 -2.88 -6.02
C CYS B 267 4.02 -4.14 -6.81
N ILE B 268 4.27 -4.08 -8.11
CA ILE B 268 4.02 -5.22 -8.96
C ILE B 268 5.12 -5.36 -10.01
N SER B 269 5.37 -6.59 -10.43
CA SER B 269 6.37 -6.90 -11.43
C SER B 269 5.96 -6.46 -12.82
N HIS B 270 6.90 -5.98 -13.62
CA HIS B 270 6.60 -5.63 -15.00
C HIS B 270 7.89 -5.78 -15.80
N THR B 271 7.76 -5.82 -17.12
CA THR B 271 8.94 -6.05 -17.96
C THR B 271 9.22 -5.00 -19.02
N PRO B 272 9.51 -3.76 -18.64
CA PRO B 272 9.80 -2.72 -19.65
C PRO B 272 11.09 -2.98 -20.41
N ASP B 273 11.14 -2.52 -21.66
CA ASP B 273 12.30 -2.66 -22.51
C ASP B 273 13.07 -3.99 -22.42
N SER B 274 12.35 -5.13 -22.51
CA SER B 274 13.01 -6.43 -22.49
C SER B 274 13.95 -6.59 -21.28
N ARG B 275 13.37 -6.49 -20.09
CA ARG B 275 14.15 -6.55 -18.86
C ARG B 275 13.17 -6.70 -17.70
N ASN B 276 13.55 -7.40 -16.64
CA ASN B 276 12.65 -7.58 -15.49
C ASN B 276 12.80 -6.48 -14.45
N MET B 277 11.68 -5.92 -14.03
CA MET B 277 11.67 -4.83 -13.07
C MET B 277 10.52 -4.97 -12.09
N ARG B 278 10.59 -4.21 -11.00
CA ARG B 278 9.50 -4.18 -10.05
C ARG B 278 9.16 -2.71 -9.97
N ALA B 279 7.86 -2.41 -9.97
CA ALA B 279 7.44 -1.04 -9.93
C ALA B 279 6.70 -0.70 -8.67
N LEU B 280 7.22 0.30 -7.96
CA LEU B 280 6.59 0.79 -6.75
C LEU B 280 5.72 1.92 -7.30
N VAL B 281 4.43 1.88 -6.99
CA VAL B 281 3.53 2.94 -7.45
C VAL B 281 2.83 3.60 -6.26
N VAL B 282 3.05 4.89 -6.13
CA VAL B 282 2.46 5.66 -5.04
C VAL B 282 1.48 6.66 -5.60
N ASP B 283 0.36 6.84 -4.91
CA ASP B 283 -0.62 7.79 -5.39
C ASP B 283 -1.34 8.37 -4.17
N GLY B 284 -1.76 9.62 -4.26
CA GLY B 284 -2.46 10.23 -3.14
C GLY B 284 -1.52 10.95 -2.19
N GLU B 285 -1.91 11.02 -0.92
CA GLU B 285 -1.11 11.69 0.07
C GLU B 285 -1.07 10.87 1.36
N LEU B 286 0.05 10.95 2.06
CA LEU B 286 0.23 10.22 3.30
C LEU B 286 0.51 11.25 4.41
N MET B 287 0.34 10.85 5.66
CA MET B 287 0.61 11.74 6.80
C MET B 287 2.12 11.78 6.99
N PRO B 288 2.67 12.97 7.28
CA PRO B 288 4.12 13.11 7.49
C PRO B 288 4.72 12.04 8.40
N ASP B 289 3.97 11.64 9.42
CA ASP B 289 4.42 10.64 10.37
C ASP B 289 4.74 9.30 9.72
N THR B 290 4.29 9.10 8.50
CA THR B 290 4.58 7.83 7.83
C THR B 290 6.04 7.75 7.43
N ILE B 291 6.70 8.91 7.28
CA ILE B 291 8.11 8.91 6.88
C ILE B 291 9.10 9.50 7.88
N HIS B 292 8.68 9.71 9.13
CA HIS B 292 9.59 10.25 10.13
C HIS B 292 10.85 9.39 10.27
N LYS B 293 10.69 8.08 10.45
CA LYS B 293 11.87 7.21 10.59
C LYS B 293 12.74 7.22 9.35
N ILE B 294 12.13 7.19 8.17
CA ILE B 294 12.91 7.20 6.94
C ILE B 294 13.77 8.45 6.90
N GLU B 295 13.18 9.59 7.24
CA GLU B 295 13.93 10.85 7.20
C GLU B 295 15.05 10.88 8.25
N ARG B 296 14.75 10.37 9.43
CA ARG B 296 15.72 10.35 10.51
C ARG B 296 16.90 9.46 10.14
N GLN B 297 16.60 8.30 9.56
CA GLN B 297 17.63 7.36 9.16
C GLN B 297 18.51 7.86 8.03
N ILE B 298 17.93 8.64 7.13
CA ILE B 298 18.70 9.20 6.03
C ILE B 298 19.56 10.34 6.58
N GLU B 299 18.99 11.15 7.48
CA GLU B 299 19.72 12.27 8.07
C GLU B 299 20.92 11.76 8.83
N PHE B 300 20.71 10.78 9.69
CA PHE B 300 21.83 10.27 10.45
C PHE B 300 22.94 9.80 9.54
N GLN B 301 22.56 9.16 8.45
CA GLN B 301 23.56 8.64 7.52
C GLN B 301 24.35 9.71 6.78
N THR B 302 23.67 10.73 6.25
CA THR B 302 24.34 11.79 5.50
C THR B 302 24.88 12.88 6.42
N GLY B 303 24.36 12.92 7.64
CA GLY B 303 24.77 13.92 8.59
C GLY B 303 24.33 15.29 8.10
N ILE B 304 23.30 15.30 7.27
CA ILE B 304 22.77 16.55 6.72
C ILE B 304 21.34 16.65 7.14
N SER B 305 20.99 17.73 7.85
CA SER B 305 19.62 17.92 8.30
C SER B 305 19.32 19.37 8.63
N PRO B 306 18.03 19.73 8.73
CA PRO B 306 16.88 18.83 8.54
C PRO B 306 16.48 18.73 7.07
N ILE B 307 15.86 17.61 6.69
CA ILE B 307 15.42 17.44 5.31
C ILE B 307 13.89 17.47 5.16
N ASN B 308 13.19 17.58 6.30
CA ASN B 308 11.73 17.65 6.25
C ASN B 308 11.29 18.98 5.63
N ILE B 309 12.22 19.91 5.49
CA ILE B 309 11.92 21.21 4.92
C ILE B 309 11.69 21.11 3.40
N PHE B 310 12.17 20.02 2.80
CA PHE B 310 12.06 19.81 1.36
C PHE B 310 10.77 19.15 0.87
N ARG B 311 9.92 18.72 1.78
CA ARG B 311 8.65 18.12 1.37
C ARG B 311 7.49 18.84 2.03
N GLY B 312 6.27 18.42 1.69
CA GLY B 312 5.09 19.05 2.27
C GLY B 312 5.00 18.92 3.78
N GLN B 313 4.47 19.95 4.44
CA GLN B 313 4.33 19.94 5.89
C GLN B 313 3.03 19.26 6.32
N GLU B 314 1.98 19.41 5.52
CA GLU B 314 0.68 18.83 5.84
C GLU B 314 0.50 17.40 5.33
N HIS B 315 0.91 17.14 4.09
CA HIS B 315 0.78 15.80 3.52
C HIS B 315 1.95 15.45 2.62
N ILE B 316 2.34 14.18 2.63
CA ILE B 316 3.46 13.70 1.82
C ILE B 316 2.94 13.06 0.52
N THR B 317 3.54 13.45 -0.60
CA THR B 317 3.14 12.95 -1.92
C THR B 317 4.02 11.84 -2.47
N GLY B 318 3.64 11.33 -3.63
CA GLY B 318 4.38 10.27 -4.27
C GLY B 318 5.76 10.77 -4.64
N THR B 319 5.84 11.98 -5.20
CA THR B 319 7.14 12.54 -5.58
C THR B 319 8.08 12.68 -4.37
N ASP B 320 7.53 13.10 -3.23
CA ASP B 320 8.31 13.28 -2.02
C ASP B 320 8.90 11.95 -1.56
N LEU B 321 8.05 10.93 -1.52
CA LEU B 321 8.47 9.62 -1.06
C LEU B 321 9.49 8.97 -1.99
N VAL B 322 9.31 9.15 -3.28
CA VAL B 322 10.22 8.58 -4.27
C VAL B 322 11.57 9.28 -4.18
N ARG B 323 11.55 10.54 -3.75
CA ARG B 323 12.78 11.31 -3.60
C ARG B 323 13.61 10.75 -2.45
N LEU B 324 12.94 10.38 -1.36
CA LEU B 324 13.64 9.80 -0.22
C LEU B 324 14.11 8.38 -0.53
N ILE B 325 13.30 7.61 -1.25
CA ILE B 325 13.68 6.25 -1.60
C ILE B 325 14.88 6.27 -2.53
N LEU B 326 14.83 7.17 -3.51
CA LEU B 326 15.89 7.31 -4.48
C LEU B 326 17.19 7.64 -3.74
N SER B 327 17.09 8.65 -2.88
CA SER B 327 18.22 9.11 -2.09
C SER B 327 18.79 7.97 -1.24
N TRP B 328 17.92 7.22 -0.56
CA TRP B 328 18.36 6.08 0.24
C TRP B 328 19.02 5.00 -0.64
N GLN B 329 18.52 4.85 -1.87
CA GLN B 329 19.08 3.87 -2.82
C GLN B 329 20.49 4.23 -3.21
N ILE B 330 20.83 5.51 -3.12
CA ILE B 330 22.18 5.95 -3.46
C ILE B 330 23.13 5.67 -2.31
N ILE B 331 22.66 5.85 -1.08
CA ILE B 331 23.48 5.56 0.09
C ILE B 331 23.74 4.06 0.07
N ASN B 332 22.65 3.31 -0.07
CA ASN B 332 22.72 1.86 -0.12
C ASN B 332 23.72 1.42 -1.19
N GLY B 333 23.60 1.98 -2.38
CA GLY B 333 24.50 1.63 -3.47
C GLY B 333 25.94 2.05 -3.25
N ARG B 334 26.15 3.09 -2.43
CA ARG B 334 27.50 3.55 -2.16
C ARG B 334 28.16 2.63 -1.15
N ILE B 335 27.35 2.12 -0.24
CA ILE B 335 27.83 1.20 0.78
C ILE B 335 28.06 -0.17 0.15
N ALA B 336 27.19 -0.56 -0.77
CA ALA B 336 27.35 -1.84 -1.43
C ALA B 336 28.68 -1.86 -2.17
N LEU B 337 29.10 -0.69 -2.60
CA LEU B 337 30.33 -0.54 -3.36
C LEU B 337 31.57 -0.65 -2.49
N SER B 338 31.49 -0.24 -1.22
CA SER B 338 32.66 -0.34 -0.35
C SER B 338 32.95 -1.82 -0.13
N ASN B 339 31.90 -2.63 -0.28
CA ASN B 339 32.02 -4.08 -0.11
C ASN B 339 32.54 -4.69 -1.42
#